data_3HWE
#
_entry.id   3HWE
#
_cell.length_a   115.428
_cell.length_b   115.428
_cell.length_c   119.289
_cell.angle_alpha   90.00
_cell.angle_beta   90.00
_cell.angle_gamma   90.00
#
_symmetry.space_group_name_H-M   'P 41 21 2'
#
loop_
_entity.id
_entity.type
_entity.pdbx_description
1 polymer 'Neutrophil gelatinase-associated lipocalin'
2 non-polymer 'FE (III) ION'
3 non-polymer 'methyl N~6~-acetyl-N~2~-[(2,3-dihydroxyphenyl)carbonyl]-N~6~-hydroxy-D-lysyl-N~6~-acetyl-N~6~-hydroxy-L-lysinate'
4 non-polymer GLYCEROL
5 non-polymer 'SODIUM ION'
6 non-polymer 'SULFATE ION'
7 water water
#
_entity_poly.entity_id   1
_entity_poly.type   'polypeptide(L)'
_entity_poly.pdbx_seq_one_letter_code
;MPLGLLWLGLALLGALHAQAQDSTSDLIPAPPLSKVPLQQNFQDNQFQGKWYVVGLAGNAILREDKDPQKMYATIYELKE
DKSYNVTSVLFRKKKCDYWIRTFVPGSQPGEFTLGNIKSYPGLTSYLVRVVSTNYNQHAMVFFKKVSQNREYFKITLYGR
TKELTSELKENFIRFSKSLGLPENHIVFPVPIDQCIDG
;
_entity_poly.pdbx_strand_id   A,B,C
#
loop_
_chem_comp.id
_chem_comp.type
_chem_comp.name
_chem_comp.formula
FE non-polymer 'FE (III) ION' 'Fe 3'
GOL non-polymer GLYCEROL 'C3 H8 O3'
NA non-polymer 'SODIUM ION' 'Na 1'
RKS non-polymer 'methyl N~6~-acetyl-N~2~-[(2,3-dihydroxyphenyl)carbonyl]-N~6~-hydroxy-D-lysyl-N~6~-acetyl-N~6~-hydroxy-L-lysinate' 'C24 H36 N4 O10'
SO4 non-polymer 'SULFATE ION' 'O4 S -2'
#
# COMPACT_ATOMS: atom_id res chain seq x y z
N THR A 24 26.34 11.34 26.91
CA THR A 24 26.28 12.23 25.71
C THR A 24 25.52 11.60 24.53
N SER A 25 25.45 10.27 24.49
CA SER A 25 24.72 9.55 23.46
C SER A 25 24.43 8.12 23.97
N ASP A 26 23.26 7.58 23.61
CA ASP A 26 22.90 6.19 23.89
C ASP A 26 22.21 5.68 22.64
N LEU A 27 22.78 4.66 22.02
CA LEU A 27 22.27 4.14 20.76
C LEU A 27 21.93 2.65 20.85
N ILE A 28 20.80 2.28 20.24
CA ILE A 28 20.45 0.87 20.09
C ILE A 28 21.50 0.28 19.15
N PRO A 29 22.09 -0.87 19.51
CA PRO A 29 23.24 -1.36 18.75
C PRO A 29 22.90 -1.74 17.31
N ALA A 30 23.89 -1.65 16.44
CA ALA A 30 23.76 -2.10 15.06
C ALA A 30 23.61 -3.61 15.07
N PRO A 31 22.71 -4.16 14.24
CA PRO A 31 22.52 -5.60 14.23
C PRO A 31 23.65 -6.31 13.51
N PRO A 32 23.85 -7.59 13.79
CA PRO A 32 24.83 -8.32 13.00
C PRO A 32 24.38 -8.40 11.56
N LEU A 33 25.33 -8.28 10.64
CA LEU A 33 25.03 -8.31 9.21
C LEU A 33 24.38 -9.63 8.78
N SER A 34 24.57 -10.67 9.58
CA SER A 34 23.94 -11.98 9.37
C SER A 34 22.42 -11.93 9.22
N LYS A 35 21.77 -10.93 9.81
CA LYS A 35 20.32 -10.79 9.69
C LYS A 35 19.88 -9.49 9.00
N VAL A 36 20.65 -9.12 7.98
CA VAL A 36 20.23 -8.13 7.00
C VAL A 36 20.32 -8.83 5.64
N PRO A 37 19.17 -9.29 5.10
CA PRO A 37 19.17 -9.94 3.80
C PRO A 37 19.77 -9.09 2.69
N LEU A 38 20.22 -9.77 1.62
CA LEU A 38 20.72 -9.11 0.42
C LEU A 38 19.84 -9.49 -0.77
N GLN A 39 19.39 -8.50 -1.53
CA GLN A 39 18.56 -8.74 -2.72
C GLN A 39 19.33 -9.59 -3.73
N GLN A 40 18.79 -10.78 -4.02
CA GLN A 40 19.40 -11.71 -4.96
C GLN A 40 19.40 -11.11 -6.37
N ASN A 41 20.47 -11.39 -7.12
CA ASN A 41 20.56 -10.96 -8.53
C ASN A 41 20.27 -9.48 -8.67
N PHE A 42 21.16 -8.64 -8.15
CA PHE A 42 20.92 -7.20 -8.14
C PHE A 42 21.17 -6.58 -9.50
N GLN A 43 20.14 -5.94 -10.04
CA GLN A 43 20.23 -5.27 -11.33
C GLN A 43 20.42 -3.77 -11.12
N ASP A 44 21.68 -3.34 -11.12
CA ASP A 44 22.02 -1.95 -10.82
C ASP A 44 21.38 -0.93 -11.77
N ASN A 45 21.35 -1.24 -13.06
CA ASN A 45 20.71 -0.36 -14.04
C ASN A 45 19.22 -0.16 -13.75
N GLN A 46 18.54 -1.23 -13.34
CA GLN A 46 17.11 -1.17 -13.02
C GLN A 46 16.81 -0.42 -11.73
N PHE A 47 17.79 -0.33 -10.83
CA PHE A 47 17.61 0.39 -9.56
C PHE A 47 17.84 1.91 -9.74
N GLN A 48 18.27 2.33 -10.92
CA GLN A 48 18.45 3.75 -11.22
C GLN A 48 17.13 4.50 -11.16
N GLY A 49 17.22 5.80 -10.89
CA GLY A 49 16.05 6.69 -10.91
C GLY A 49 15.70 7.28 -9.57
N LYS A 50 14.60 8.02 -9.55
CA LYS A 50 14.10 8.66 -8.32
C LYS A 50 13.34 7.66 -7.46
N TRP A 51 13.63 7.69 -6.15
CA TRP A 51 12.89 6.93 -5.15
C TRP A 51 12.37 7.88 -4.08
N TYR A 52 11.15 7.66 -3.62
CA TYR A 52 10.58 8.44 -2.51
C TYR A 52 10.78 7.70 -1.20
N VAL A 53 11.27 8.41 -0.18
CA VAL A 53 11.42 7.84 1.14
C VAL A 53 10.07 7.83 1.86
N VAL A 54 9.33 6.72 1.75
CA VAL A 54 8.00 6.62 2.35
C VAL A 54 8.05 6.05 3.77
N GLY A 55 9.12 5.31 4.09
CA GLY A 55 9.34 4.78 5.44
C GLY A 55 10.77 5.01 5.89
N LEU A 56 10.94 5.39 7.15
CA LEU A 56 12.26 5.74 7.69
C LEU A 56 12.42 5.23 9.14
N ALA A 57 13.43 4.39 9.36
CA ALA A 57 13.69 3.83 10.69
C ALA A 57 15.18 3.70 10.97
N GLY A 58 15.55 3.70 12.25
CA GLY A 58 16.96 3.61 12.65
C GLY A 58 17.19 3.98 14.11
N ASN A 59 18.42 3.80 14.59
CA ASN A 59 18.73 4.05 16.00
C ASN A 59 18.88 5.54 16.35
N ALA A 60 19.13 6.35 15.33
CA ALA A 60 19.17 7.80 15.48
C ALA A 60 17.88 8.47 14.98
N ILE A 61 16.98 7.69 14.41
CA ILE A 61 15.70 8.20 13.90
C ILE A 61 14.62 8.12 14.98
N LEU A 62 13.92 9.24 15.20
CA LEU A 62 12.99 9.35 16.32
C LEU A 62 11.73 10.11 15.89
N ARG A 63 10.56 9.55 16.20
CA ARG A 63 9.27 10.16 15.83
C ARG A 63 9.04 11.45 16.60
N GLU A 64 8.63 12.50 15.89
CA GLU A 64 8.37 13.81 16.49
C GLU A 64 7.03 14.37 16.00
N ASP A 65 5.98 14.18 16.81
CA ASP A 65 4.62 14.60 16.45
C ASP A 65 4.46 16.13 16.41
N LYS A 66 5.29 16.83 17.17
CA LYS A 66 5.31 18.29 17.14
C LYS A 66 5.66 18.79 15.75
N ASP A 67 6.75 18.27 15.19
CA ASP A 67 7.23 18.64 13.87
C ASP A 67 7.57 17.37 13.05
N PRO A 68 6.54 16.73 12.46
CA PRO A 68 6.72 15.48 11.72
C PRO A 68 7.63 15.59 10.49
N GLN A 69 8.38 14.51 10.25
CA GLN A 69 9.31 14.41 9.12
C GLN A 69 8.60 14.57 7.77
N LYS A 70 9.06 15.53 6.97
CA LYS A 70 8.56 15.68 5.61
C LYS A 70 9.24 14.66 4.69
N MET A 71 8.50 14.17 3.71
CA MET A 71 9.02 13.20 2.74
C MET A 71 10.11 13.85 1.90
N TYR A 72 11.07 13.03 1.46
CA TYR A 72 12.13 13.48 0.56
C TYR A 72 12.44 12.39 -0.48
N ALA A 73 13.30 12.74 -1.44
CA ALA A 73 13.56 11.88 -2.58
C ALA A 73 15.05 11.68 -2.79
N THR A 74 15.43 10.48 -3.25
CA THR A 74 16.82 10.14 -3.50
C THR A 74 16.96 9.59 -4.91
N ILE A 75 17.82 10.22 -5.71
CA ILE A 75 18.05 9.82 -7.10
C ILE A 75 19.35 9.05 -7.26
N TYR A 76 19.26 7.84 -7.81
CA TYR A 76 20.43 7.00 -8.12
C TYR A 76 20.70 6.99 -9.62
N GLU A 77 21.92 7.37 -10.03
CA GLU A 77 22.31 7.34 -11.45
C GLU A 77 23.72 6.77 -11.63
N LEU A 78 23.80 5.66 -12.39
CA LEU A 78 25.10 5.03 -12.68
C LEU A 78 25.94 5.90 -13.59
N LYS A 79 27.25 5.80 -13.44
CA LYS A 79 28.21 6.52 -14.27
C LYS A 79 28.91 5.52 -15.18
N GLU A 80 29.85 5.99 -16.00
CA GLU A 80 30.62 5.10 -16.87
C GLU A 80 31.23 3.96 -16.07
N ASP A 81 31.83 4.28 -14.92
CA ASP A 81 32.51 3.29 -14.06
C ASP A 81 31.57 2.49 -13.15
N LYS A 82 30.27 2.61 -13.38
CA LYS A 82 29.25 1.83 -12.65
C LYS A 82 29.17 2.12 -11.13
N SER A 83 29.67 3.28 -10.71
CA SER A 83 29.38 3.81 -9.39
C SER A 83 28.07 4.59 -9.49
N TYR A 84 27.37 4.73 -8.37
CA TYR A 84 26.16 5.55 -8.33
C TYR A 84 26.48 6.98 -7.94
N ASN A 85 25.86 7.94 -8.60
CA ASN A 85 25.84 9.32 -8.12
C ASN A 85 24.52 9.53 -7.37
N VAL A 86 24.57 9.45 -6.05
CA VAL A 86 23.35 9.51 -5.24
C VAL A 86 23.03 10.94 -4.80
N THR A 87 21.85 11.42 -5.20
CA THR A 87 21.41 12.78 -4.88
C THR A 87 20.10 12.78 -4.10
N SER A 88 20.15 13.26 -2.85
CA SER A 88 18.93 13.44 -2.08
C SER A 88 18.45 14.88 -2.23
N VAL A 89 17.14 15.05 -2.42
CA VAL A 89 16.52 16.37 -2.47
C VAL A 89 15.46 16.45 -1.37
N LEU A 90 15.60 17.45 -0.50
CA LEU A 90 14.68 17.63 0.63
C LEU A 90 14.28 19.09 0.81
N PHE A 91 13.09 19.29 1.36
CA PHE A 91 12.49 20.61 1.55
C PHE A 91 12.74 21.07 2.99
N ARG A 92 13.60 22.06 3.14
CA ARG A 92 13.95 22.59 4.46
C ARG A 92 14.15 24.11 4.45
N LYS A 93 13.58 24.78 5.45
CA LYS A 93 13.67 26.25 5.56
C LYS A 93 13.14 26.96 4.31
N LYS A 94 12.03 26.43 3.79
CA LYS A 94 11.36 26.96 2.60
CA LYS A 94 11.35 26.94 2.59
C LYS A 94 12.23 26.91 1.33
N LYS A 95 13.22 26.02 1.33
CA LYS A 95 14.08 25.83 0.16
C LYS A 95 14.35 24.35 -0.11
N CYS A 96 14.85 24.06 -1.30
CA CYS A 96 15.27 22.70 -1.66
C CYS A 96 16.75 22.56 -1.43
N ASP A 97 17.14 21.56 -0.66
CA ASP A 97 18.54 21.26 -0.39
C ASP A 97 18.96 19.96 -1.08
N TYR A 98 20.13 19.99 -1.70
CA TYR A 98 20.61 18.89 -2.52
C TYR A 98 21.85 18.21 -1.92
N TRP A 99 21.63 17.08 -1.26
CA TRP A 99 22.70 16.30 -0.62
C TRP A 99 23.28 15.25 -1.58
N ILE A 100 24.54 15.44 -1.98
CA ILE A 100 25.17 14.61 -3.02
C ILE A 100 26.31 13.74 -2.49
N ARG A 101 26.30 12.45 -2.84
CA ARG A 101 27.42 11.55 -2.50
C ARG A 101 27.48 10.35 -3.45
N THR A 102 28.61 9.64 -3.43
CA THR A 102 28.86 8.52 -4.36
C THR A 102 28.80 7.18 -3.65
N PHE A 103 28.06 6.23 -4.23
CA PHE A 103 28.05 4.85 -3.74
C PHE A 103 28.91 3.98 -4.65
N VAL A 104 30.01 3.46 -4.09
CA VAL A 104 30.94 2.60 -4.81
C VAL A 104 30.60 1.14 -4.52
N PRO A 105 30.50 0.29 -5.57
CA PRO A 105 30.19 -1.14 -5.40
C PRO A 105 31.12 -1.84 -4.41
N GLY A 106 30.52 -2.57 -3.47
CA GLY A 106 31.27 -3.22 -2.40
C GLY A 106 31.54 -4.69 -2.69
N SER A 107 31.63 -5.48 -1.63
CA SER A 107 32.03 -6.90 -1.72
C SER A 107 31.16 -7.73 -2.66
N GLN A 108 29.87 -7.47 -2.67
CA GLN A 108 28.93 -8.22 -3.53
C GLN A 108 27.86 -7.30 -4.12
N PRO A 109 27.17 -7.73 -5.20
CA PRO A 109 26.15 -6.86 -5.82
C PRO A 109 24.98 -6.55 -4.90
N GLY A 110 24.57 -5.29 -4.89
CA GLY A 110 23.53 -4.80 -3.97
C GLY A 110 24.13 -4.21 -2.70
N GLU A 111 25.46 -4.26 -2.62
CA GLU A 111 26.21 -3.80 -1.45
C GLU A 111 27.19 -2.73 -1.90
N PHE A 112 27.27 -1.64 -1.14
CA PHE A 112 28.09 -0.49 -1.54
C PHE A 112 28.87 0.10 -0.36
N THR A 113 29.86 0.92 -0.69
CA THR A 113 30.55 1.75 0.28
C THR A 113 30.55 3.19 -0.23
N LEU A 114 30.83 4.13 0.68
CA LEU A 114 30.80 5.55 0.35
C LEU A 114 32.10 5.94 -0.34
N GLY A 115 31.99 6.72 -1.40
CA GLY A 115 33.15 7.31 -2.06
C GLY A 115 33.49 8.67 -1.47
N ASN A 116 34.77 9.00 -1.46
CA ASN A 116 35.27 10.24 -0.85
C ASN A 116 34.81 10.37 0.62
N ILE A 117 35.03 9.30 1.38
CA ILE A 117 34.75 9.29 2.81
C ILE A 117 35.60 10.35 3.55
N LYS A 118 36.74 10.70 2.95
CA LYS A 118 37.66 11.70 3.50
C LYS A 118 37.02 13.08 3.72
N SER A 119 36.03 13.41 2.89
CA SER A 119 35.36 14.71 2.96
C SER A 119 34.33 14.82 4.11
N TYR A 120 34.09 13.73 4.82
CA TYR A 120 33.18 13.74 5.97
C TYR A 120 33.98 13.51 7.27
N PRO A 121 34.31 14.60 8.00
CA PRO A 121 35.13 14.49 9.19
C PRO A 121 34.54 13.60 10.29
N GLY A 122 35.38 12.75 10.88
CA GLY A 122 34.95 11.82 11.93
C GLY A 122 34.47 10.48 11.40
N LEU A 123 34.08 10.45 10.13
CA LEU A 123 33.49 9.27 9.50
C LEU A 123 34.59 8.27 9.13
N THR A 124 34.52 7.08 9.73
CA THR A 124 35.54 6.04 9.52
C THR A 124 35.02 4.80 8.80
N SER A 125 33.70 4.66 8.68
CA SER A 125 33.09 3.50 8.02
C SER A 125 31.68 3.80 7.50
N TYR A 126 31.33 3.20 6.37
CA TYR A 126 30.02 3.40 5.74
C TYR A 126 29.66 2.23 4.84
N LEU A 127 28.48 1.65 5.08
CA LEU A 127 28.01 0.48 4.35
C LEU A 127 26.56 0.67 3.90
N VAL A 128 26.29 0.31 2.65
CA VAL A 128 24.93 0.26 2.12
C VAL A 128 24.63 -1.18 1.71
N ARG A 129 23.39 -1.63 1.93
CA ARG A 129 22.97 -2.95 1.48
C ARG A 129 21.50 -2.99 1.08
N VAL A 130 21.25 -3.32 -0.18
CA VAL A 130 19.88 -3.42 -0.71
C VAL A 130 19.27 -4.72 -0.22
N VAL A 131 18.31 -4.60 0.72
CA VAL A 131 17.67 -5.77 1.32
C VAL A 131 16.71 -6.48 0.35
N SER A 132 15.84 -5.70 -0.29
CA SER A 132 14.87 -6.23 -1.25
C SER A 132 14.33 -5.12 -2.16
N THR A 133 13.95 -5.50 -3.38
CA THR A 133 13.36 -4.58 -4.35
C THR A 133 12.77 -5.31 -5.54
N ASN A 134 11.63 -4.81 -6.02
CA ASN A 134 11.06 -5.21 -7.31
C ASN A 134 11.32 -4.17 -8.40
N TYR A 135 12.18 -3.19 -8.08
CA TYR A 135 12.67 -2.20 -9.05
C TYR A 135 11.66 -1.14 -9.49
N ASN A 136 10.46 -1.53 -9.90
CA ASN A 136 9.49 -0.57 -10.45
C ASN A 136 8.46 0.01 -9.46
N GLN A 137 8.47 -0.47 -8.22
CA GLN A 137 7.51 0.00 -7.21
C GLN A 137 8.16 0.30 -5.85
N HIS A 138 8.83 -0.70 -5.28
CA HIS A 138 9.31 -0.60 -3.89
C HIS A 138 10.73 -1.12 -3.68
N ALA A 139 11.30 -0.76 -2.53
CA ALA A 139 12.64 -1.20 -2.13
C ALA A 139 12.89 -0.95 -0.64
N MET A 140 13.64 -1.86 -0.01
CA MET A 140 14.17 -1.66 1.34
C MET A 140 15.69 -1.69 1.30
N VAL A 141 16.32 -0.63 1.79
CA VAL A 141 17.78 -0.51 1.79
C VAL A 141 18.27 -0.27 3.21
N PHE A 142 19.36 -0.93 3.58
CA PHE A 142 19.94 -0.86 4.92
C PHE A 142 21.26 -0.07 4.88
N PHE A 143 21.40 0.90 5.78
CA PHE A 143 22.61 1.73 5.87
C PHE A 143 23.25 1.60 7.25
N LYS A 144 24.58 1.65 7.30
CA LYS A 144 25.31 1.63 8.58
C LYS A 144 26.61 2.43 8.50
N LYS A 145 26.72 3.46 9.34
CA LYS A 145 27.91 4.30 9.39
C LYS A 145 28.50 4.37 10.80
N VAL A 146 29.82 4.49 10.87
CA VAL A 146 30.53 4.75 12.13
C VAL A 146 31.18 6.12 12.02
N SER A 147 30.81 7.00 12.94
CA SER A 147 31.27 8.39 12.92
C SER A 147 31.45 8.92 14.33
N GLN A 148 32.62 9.54 14.59
CA GLN A 148 33.07 9.86 15.95
C GLN A 148 32.94 8.63 16.85
N ASN A 149 33.32 7.47 16.33
CA ASN A 149 33.24 6.19 17.04
C ASN A 149 31.81 5.77 17.45
N ARG A 150 30.79 6.42 16.91
CA ARG A 150 29.40 6.07 17.22
C ARG A 150 28.81 5.31 16.03
N GLU A 151 28.27 4.12 16.31
CA GLU A 151 27.72 3.25 15.27
C GLU A 151 26.24 3.54 15.02
N TYR A 152 25.95 4.15 13.87
CA TYR A 152 24.59 4.47 13.47
C TYR A 152 24.13 3.54 12.35
N PHE A 153 22.86 3.16 12.37
CA PHE A 153 22.28 2.41 11.26
C PHE A 153 20.85 2.86 11.01
N LYS A 154 20.41 2.70 9.77
CA LYS A 154 19.02 3.00 9.39
C LYS A 154 18.54 2.12 8.24
N ILE A 155 17.23 1.98 8.14
CA ILE A 155 16.59 1.34 7.01
C ILE A 155 15.65 2.35 6.35
N THR A 156 15.72 2.45 5.02
CA THR A 156 14.78 3.30 4.27
C THR A 156 13.82 2.42 3.50
N LEU A 157 12.54 2.78 3.51
CA LEU A 157 11.52 2.15 2.67
C LEU A 157 11.31 3.03 1.45
N TYR A 158 11.92 2.65 0.34
CA TYR A 158 11.82 3.42 -0.90
C TYR A 158 10.57 3.05 -1.67
N GLY A 159 9.87 4.08 -2.16
CA GLY A 159 8.66 3.91 -2.97
C GLY A 159 8.80 4.64 -4.28
N ARG A 160 8.39 4.00 -5.36
CA ARG A 160 8.49 4.60 -6.70
C ARG A 160 7.44 5.71 -6.82
N THR A 161 6.31 5.50 -6.16
CA THR A 161 5.33 6.56 -5.90
C THR A 161 5.43 7.00 -4.44
N LYS A 162 4.67 8.02 -4.07
CA LYS A 162 4.66 8.55 -2.69
C LYS A 162 3.85 7.71 -1.72
N GLU A 163 2.98 6.87 -2.28
CA GLU A 163 2.12 5.97 -1.50
C GLU A 163 2.51 4.52 -1.79
N LEU A 164 2.52 3.70 -0.74
CA LEU A 164 2.66 2.25 -0.88
C LEU A 164 1.54 1.55 -0.11
N THR A 165 1.43 0.24 -0.32
CA THR A 165 0.35 -0.55 0.29
C THR A 165 0.57 -0.71 1.80
N SER A 166 -0.45 -1.19 2.48
CA SER A 166 -0.36 -1.51 3.90
C SER A 166 0.56 -2.72 4.12
N GLU A 167 0.42 -3.72 3.26
CA GLU A 167 1.26 -4.91 3.32
C GLU A 167 2.74 -4.51 3.38
N LEU A 168 3.16 -3.73 2.37
CA LEU A 168 4.55 -3.29 2.24
C LEU A 168 5.05 -2.48 3.45
N LYS A 169 4.20 -1.65 4.02
CA LYS A 169 4.57 -0.83 5.18
C LYS A 169 4.71 -1.66 6.46
N GLU A 170 3.83 -2.63 6.66
CA GLU A 170 3.93 -3.52 7.82
C GLU A 170 5.19 -4.37 7.70
N ASN A 171 5.45 -4.84 6.48
CA ASN A 171 6.69 -5.55 6.17
C ASN A 171 7.92 -4.76 6.63
N PHE A 172 7.89 -3.47 6.35
CA PHE A 172 8.94 -2.55 6.78
C PHE A 172 8.95 -2.38 8.30
N ILE A 173 7.77 -2.18 8.89
CA ILE A 173 7.65 -2.03 10.35
C ILE A 173 8.23 -3.23 11.07
N ARG A 174 7.87 -4.42 10.59
CA ARG A 174 8.24 -5.66 11.28
C ARG A 174 9.71 -6.03 11.02
N PHE A 175 10.25 -5.64 9.86
CA PHE A 175 11.68 -5.82 9.58
C PHE A 175 12.53 -4.89 10.47
N SER A 176 12.11 -3.63 10.58
CA SER A 176 12.76 -2.68 11.48
C SER A 176 12.83 -3.23 12.91
N LYS A 177 11.75 -3.87 13.35
CA LYS A 177 11.70 -4.49 14.67
C LYS A 177 12.63 -5.69 14.78
N SER A 178 12.74 -6.50 13.72
CA SER A 178 13.62 -7.66 13.75
C SER A 178 15.09 -7.29 13.99
N LEU A 179 15.43 -6.02 13.78
CA LEU A 179 16.79 -5.50 14.05
C LEU A 179 16.86 -4.72 15.37
N GLY A 180 15.80 -4.76 16.18
CA GLY A 180 15.80 -4.20 17.52
C GLY A 180 15.21 -2.81 17.68
N LEU A 181 14.54 -2.30 16.66
CA LEU A 181 13.97 -0.94 16.71
C LEU A 181 12.53 -0.95 17.24
N PRO A 182 12.24 -0.12 18.25
CA PRO A 182 10.87 0.03 18.72
C PRO A 182 10.03 0.95 17.82
N GLU A 183 8.75 1.05 18.13
CA GLU A 183 7.77 1.75 17.28
C GLU A 183 8.14 3.22 17.06
N ASN A 184 8.57 3.89 18.12
CA ASN A 184 8.90 5.32 18.05
C ASN A 184 10.26 5.62 17.39
N HIS A 185 10.97 4.59 16.95
CA HIS A 185 12.15 4.75 16.11
C HIS A 185 11.84 4.51 14.62
N ILE A 186 10.56 4.32 14.31
CA ILE A 186 10.12 4.10 12.94
C ILE A 186 9.16 5.21 12.56
N VAL A 187 9.43 5.88 11.45
CA VAL A 187 8.56 6.96 10.97
C VAL A 187 8.19 6.80 9.50
N PHE A 188 7.05 7.37 9.13
CA PHE A 188 6.59 7.41 7.75
C PHE A 188 6.46 8.86 7.34
N PRO A 189 7.47 9.41 6.66
CA PRO A 189 7.43 10.83 6.26
C PRO A 189 6.16 11.23 5.51
N VAL A 190 5.65 12.42 5.82
CA VAL A 190 4.38 12.90 5.25
C VAL A 190 4.61 13.45 3.83
N PRO A 191 3.86 12.95 2.84
CA PRO A 191 3.99 13.40 1.44
C PRO A 191 3.88 14.92 1.23
N ILE A 192 4.73 15.46 0.38
CA ILE A 192 4.71 16.88 0.00
C ILE A 192 4.86 17.02 -1.51
N ASP A 193 4.73 18.25 -2.00
CA ASP A 193 4.87 18.55 -3.44
C ASP A 193 6.11 19.36 -3.79
N GLN A 194 6.64 20.13 -2.83
CA GLN A 194 7.81 20.96 -3.08
C GLN A 194 9.08 20.13 -3.26
N CYS A 195 9.90 20.54 -4.22
CA CYS A 195 11.23 19.97 -4.48
C CYS A 195 11.24 18.55 -5.05
N ILE A 196 10.46 17.64 -4.48
CA ILE A 196 10.59 16.21 -4.78
C ILE A 196 9.83 15.73 -6.05
N ASP A 197 9.24 16.66 -6.79
CA ASP A 197 8.58 16.34 -8.07
C ASP A 197 9.26 17.09 -9.22
N SER B 25 -7.26 7.92 38.44
CA SER B 25 -6.30 8.23 37.33
C SER B 25 -6.96 9.10 36.25
N ASP B 26 -6.26 9.23 35.12
CA ASP B 26 -6.80 9.87 33.93
C ASP B 26 -6.99 8.79 32.88
N LEU B 27 -7.99 8.96 32.02
CA LEU B 27 -8.28 7.96 30.99
C LEU B 27 -8.25 8.55 29.59
N ILE B 28 -7.74 7.77 28.63
CA ILE B 28 -7.87 8.09 27.22
C ILE B 28 -9.37 8.09 26.92
N PRO B 29 -9.89 9.16 26.30
CA PRO B 29 -11.34 9.23 26.15
C PRO B 29 -11.92 8.12 25.25
N ALA B 30 -13.14 7.70 25.57
CA ALA B 30 -13.88 6.80 24.69
C ALA B 30 -14.21 7.56 23.41
N PRO B 31 -14.10 6.89 22.25
CA PRO B 31 -14.36 7.61 21.01
C PRO B 31 -15.84 7.68 20.73
N PRO B 32 -16.25 8.57 19.82
CA PRO B 32 -17.66 8.61 19.44
C PRO B 32 -18.07 7.30 18.78
N LEU B 33 -19.32 6.88 19.00
CA LEU B 33 -19.81 5.60 18.47
C LEU B 33 -19.85 5.57 16.94
N SER B 34 -19.85 6.76 16.34
CA SER B 34 -19.75 6.88 14.87
C SER B 34 -18.41 6.38 14.31
N LYS B 35 -17.36 6.44 15.13
CA LYS B 35 -16.04 5.89 14.74
C LYS B 35 -15.94 4.37 14.86
N VAL B 36 -16.89 3.74 15.54
CA VAL B 36 -16.91 2.28 15.71
C VAL B 36 -17.95 1.65 14.78
N PRO B 37 -17.50 0.95 13.71
CA PRO B 37 -18.45 0.34 12.78
C PRO B 37 -19.25 -0.82 13.38
N LEU B 38 -20.28 -1.25 12.64
CA LEU B 38 -21.09 -2.39 13.02
C LEU B 38 -21.14 -3.40 11.87
N GLN B 39 -20.95 -4.67 12.19
CA GLN B 39 -21.00 -5.75 11.19
C GLN B 39 -22.36 -5.76 10.48
N GLN B 40 -22.34 -5.62 9.16
CA GLN B 40 -23.55 -5.64 8.35
C GLN B 40 -24.19 -7.03 8.40
N ASN B 41 -25.52 -7.05 8.51
CA ASN B 41 -26.29 -8.30 8.41
C ASN B 41 -25.78 -9.37 9.37
N PHE B 42 -25.84 -9.06 10.66
CA PHE B 42 -25.25 -9.91 11.70
C PHE B 42 -26.04 -11.21 11.93
N GLN B 43 -25.31 -12.31 12.04
CA GLN B 43 -25.88 -13.65 12.25
C GLN B 43 -25.53 -14.13 13.66
N ASP B 44 -26.55 -14.25 14.52
CA ASP B 44 -26.33 -14.73 15.89
C ASP B 44 -25.95 -16.21 15.93
N ASN B 45 -26.66 -17.04 15.15
CA ASN B 45 -26.42 -18.49 15.15
C ASN B 45 -25.04 -18.92 14.65
N GLN B 46 -24.38 -18.07 13.86
CA GLN B 46 -23.02 -18.34 13.39
C GLN B 46 -21.95 -17.73 14.30
N PHE B 47 -22.33 -16.72 15.08
CA PHE B 47 -21.42 -16.11 16.05
C PHE B 47 -21.37 -16.91 17.36
N GLN B 48 -22.31 -17.85 17.53
CA GLN B 48 -22.35 -18.70 18.73
C GLN B 48 -21.12 -19.60 18.79
N GLY B 49 -20.70 -19.94 20.00
CA GLY B 49 -19.57 -20.83 20.21
C GLY B 49 -18.44 -20.20 21.00
N LYS B 50 -17.28 -20.84 20.96
CA LYS B 50 -16.11 -20.43 21.73
C LYS B 50 -15.16 -19.58 20.89
N TRP B 51 -14.63 -18.53 21.52
CA TRP B 51 -13.62 -17.67 20.91
C TRP B 51 -12.41 -17.52 21.83
N TYR B 52 -11.23 -17.49 21.23
CA TYR B 52 -10.01 -17.19 21.97
C TYR B 52 -9.67 -15.71 21.84
N VAL B 53 -9.35 -15.08 22.96
CA VAL B 53 -8.92 -13.68 22.97
C VAL B 53 -7.46 -13.61 22.55
N VAL B 54 -7.23 -13.47 21.25
CA VAL B 54 -5.86 -13.41 20.70
C VAL B 54 -5.30 -11.99 20.76
N GLY B 55 -6.19 -11.01 20.94
CA GLY B 55 -5.80 -9.60 21.09
C GLY B 55 -6.67 -8.89 22.11
N LEU B 56 -6.09 -7.89 22.77
CA LEU B 56 -6.80 -7.12 23.80
C LEU B 56 -6.30 -5.67 23.81
N ALA B 57 -7.22 -4.72 23.72
CA ALA B 57 -6.88 -3.30 23.67
C ALA B 57 -7.93 -2.47 24.41
N GLY B 58 -7.48 -1.47 25.16
CA GLY B 58 -8.39 -0.56 25.87
C GLY B 58 -7.68 0.43 26.77
N ASN B 59 -8.36 1.53 27.09
CA ASN B 59 -7.79 2.60 27.91
C ASN B 59 -7.39 2.18 29.33
N ALA B 60 -7.95 1.05 29.79
CA ALA B 60 -7.60 0.47 31.09
C ALA B 60 -6.69 -0.77 30.96
N ILE B 61 -6.36 -1.15 29.72
CA ILE B 61 -5.46 -2.28 29.47
C ILE B 61 -4.04 -1.76 29.35
N LEU B 62 -3.09 -2.43 30.00
CA LEU B 62 -1.69 -2.01 30.00
C LEU B 62 -0.76 -3.21 29.72
N ARG B 63 0.23 -3.00 28.86
CA ARG B 63 1.25 -4.03 28.60
C ARG B 63 2.18 -4.15 29.81
N GLU B 64 2.29 -5.37 30.35
CA GLU B 64 3.14 -5.63 31.51
C GLU B 64 4.04 -6.84 31.24
N ASP B 65 5.25 -6.56 30.74
CA ASP B 65 6.22 -7.61 30.39
C ASP B 65 6.63 -8.48 31.58
N LYS B 66 6.57 -7.91 32.78
CA LYS B 66 6.89 -8.66 34.01
C LYS B 66 5.96 -9.86 34.20
N ASP B 67 4.65 -9.62 34.11
CA ASP B 67 3.63 -10.67 34.26
C ASP B 67 2.66 -10.63 33.06
N PRO B 68 3.07 -11.20 31.91
CA PRO B 68 2.31 -11.06 30.65
C PRO B 68 0.91 -11.64 30.69
N GLN B 69 -0.02 -11.00 29.98
CA GLN B 69 -1.41 -11.44 29.94
C GLN B 69 -1.53 -12.85 29.35
N LYS B 70 -2.13 -13.75 30.12
CA LYS B 70 -2.37 -15.12 29.66
C LYS B 70 -3.65 -15.16 28.83
N MET B 71 -3.69 -16.08 27.87
CA MET B 71 -4.86 -16.23 27.01
C MET B 71 -6.03 -16.83 27.78
N TYR B 72 -7.22 -16.26 27.54
CA TYR B 72 -8.47 -16.78 28.10
C TYR B 72 -9.51 -16.89 26.98
N ALA B 73 -10.52 -17.73 27.21
CA ALA B 73 -11.56 -17.99 26.22
C ALA B 73 -12.90 -17.40 26.67
N THR B 74 -13.79 -17.21 25.70
CA THR B 74 -15.16 -16.74 25.95
C THR B 74 -16.13 -17.56 25.11
N ILE B 75 -17.16 -18.10 25.75
CA ILE B 75 -18.14 -18.96 25.09
C ILE B 75 -19.48 -18.24 24.95
N TYR B 76 -19.92 -18.04 23.71
CA TYR B 76 -21.20 -17.40 23.41
C TYR B 76 -22.30 -18.44 23.18
N GLU B 77 -23.00 -18.78 24.24
CA GLU B 77 -24.10 -19.73 24.18
C GLU B 77 -25.38 -19.01 23.75
N LEU B 78 -25.83 -19.27 22.52
CA LEU B 78 -27.04 -18.66 22.01
C LEU B 78 -28.25 -19.28 22.71
N LYS B 79 -28.92 -18.51 23.57
CA LYS B 79 -30.12 -18.98 24.26
C LYS B 79 -31.32 -19.01 23.30
N GLU B 80 -32.36 -19.73 23.71
CA GLU B 80 -33.59 -19.83 22.90
C GLU B 80 -34.25 -18.46 22.68
N ASP B 81 -34.23 -17.63 23.71
CA ASP B 81 -34.86 -16.29 23.65
C ASP B 81 -34.12 -15.30 22.74
N LYS B 82 -32.95 -15.71 22.22
CA LYS B 82 -32.15 -14.92 21.29
C LYS B 82 -31.04 -14.11 21.99
N SER B 83 -30.98 -14.21 23.32
CA SER B 83 -29.90 -13.61 24.09
C SER B 83 -28.70 -14.55 24.10
N TYR B 84 -27.54 -13.98 24.44
CA TYR B 84 -26.32 -14.77 24.59
C TYR B 84 -26.01 -14.99 26.06
N ASN B 85 -25.72 -16.23 26.42
CA ASN B 85 -25.23 -16.54 27.76
C ASN B 85 -23.71 -16.62 27.69
N VAL B 86 -23.06 -15.49 27.96
CA VAL B 86 -21.63 -15.34 27.76
C VAL B 86 -20.86 -15.76 29.01
N THR B 87 -19.91 -16.68 28.83
CA THR B 87 -19.13 -17.23 29.94
C THR B 87 -17.66 -17.34 29.55
N SER B 88 -16.79 -16.70 30.34
CA SER B 88 -15.35 -16.70 30.07
C SER B 88 -14.57 -17.63 30.99
N VAL B 89 -13.66 -18.39 30.39
CA VAL B 89 -12.76 -19.27 31.14
C VAL B 89 -11.35 -18.67 31.15
N LEU B 90 -10.91 -18.25 32.33
CA LEU B 90 -9.52 -17.80 32.53
C LEU B 90 -8.82 -18.61 33.61
N PHE B 91 -7.48 -18.63 33.54
CA PHE B 91 -6.64 -19.45 34.41
C PHE B 91 -5.89 -18.56 35.40
N ARG B 92 -6.38 -18.51 36.63
CA ARG B 92 -5.84 -17.60 37.67
C ARG B 92 -5.61 -18.33 38.99
N LYS B 93 -4.47 -18.03 39.63
CA LYS B 93 -4.09 -18.62 40.92
C LYS B 93 -4.02 -20.16 40.83
N LYS B 94 -3.41 -20.64 39.75
CA LYS B 94 -3.25 -22.07 39.50
C LYS B 94 -4.56 -22.85 39.37
N LYS B 95 -5.65 -22.14 39.02
CA LYS B 95 -6.98 -22.78 38.89
C LYS B 95 -7.84 -22.11 37.80
N CYS B 96 -8.83 -22.87 37.32
CA CYS B 96 -9.75 -22.37 36.29
C CYS B 96 -10.84 -21.53 36.92
N ASP B 97 -11.10 -20.35 36.35
CA ASP B 97 -12.16 -19.46 36.83
C ASP B 97 -13.23 -19.23 35.76
N TYR B 98 -14.48 -19.12 36.20
CA TYR B 98 -15.63 -18.95 35.30
C TYR B 98 -16.45 -17.71 35.66
N TRP B 99 -16.50 -16.75 34.74
CA TRP B 99 -17.19 -15.48 34.91
C TRP B 99 -18.39 -15.41 33.96
N ILE B 100 -19.59 -15.58 34.50
CA ILE B 100 -20.81 -15.69 33.70
C ILE B 100 -21.65 -14.41 33.70
N ARG B 101 -21.99 -13.95 32.50
CA ARG B 101 -22.85 -12.76 32.29
C ARG B 101 -23.74 -12.97 31.05
N THR B 102 -24.64 -12.03 30.79
CA THR B 102 -25.62 -12.19 29.72
C THR B 102 -25.69 -10.94 28.82
N PHE B 103 -25.60 -11.15 27.51
CA PHE B 103 -25.75 -10.06 26.53
C PHE B 103 -27.13 -10.14 25.89
N VAL B 104 -27.90 -9.06 26.01
CA VAL B 104 -29.23 -8.96 25.41
C VAL B 104 -29.14 -8.15 24.11
N PRO B 105 -29.72 -8.65 23.00
CA PRO B 105 -29.62 -7.93 21.72
C PRO B 105 -30.21 -6.53 21.76
N GLY B 106 -29.56 -5.60 21.06
CA GLY B 106 -29.96 -4.20 21.05
C GLY B 106 -30.79 -3.80 19.86
N SER B 107 -30.77 -2.51 19.56
CA SER B 107 -31.60 -1.91 18.50
C SER B 107 -31.36 -2.59 17.16
N GLN B 108 -30.08 -2.73 16.82
CA GLN B 108 -29.65 -3.33 15.57
C GLN B 108 -28.98 -4.66 15.87
N PRO B 109 -29.11 -5.65 14.96
CA PRO B 109 -28.35 -6.88 15.11
C PRO B 109 -26.85 -6.60 15.19
N GLY B 110 -26.17 -7.23 16.14
CA GLY B 110 -24.76 -6.97 16.40
C GLY B 110 -24.51 -6.11 17.64
N GLU B 111 -25.53 -5.36 18.04
CA GLU B 111 -25.48 -4.56 19.28
C GLU B 111 -25.99 -5.39 20.45
N PHE B 112 -25.40 -5.19 21.63
CA PHE B 112 -25.82 -5.91 22.84
C PHE B 112 -25.73 -5.04 24.10
N THR B 113 -26.68 -5.25 25.00
CA THR B 113 -26.69 -4.63 26.33
C THR B 113 -26.49 -5.70 27.40
N LEU B 114 -26.04 -5.27 28.58
CA LEU B 114 -25.71 -6.20 29.66
C LEU B 114 -26.98 -6.66 30.39
N GLY B 115 -27.09 -7.97 30.57
CA GLY B 115 -28.19 -8.56 31.32
C GLY B 115 -27.96 -8.33 32.81
N ASN B 116 -29.01 -7.92 33.51
CA ASN B 116 -28.92 -7.47 34.90
C ASN B 116 -27.74 -6.53 35.14
N ILE B 117 -27.72 -5.43 34.37
CA ILE B 117 -26.77 -4.35 34.58
C ILE B 117 -26.86 -3.80 36.00
N LYS B 118 -28.04 -3.93 36.59
CA LYS B 118 -28.32 -3.44 37.94
C LYS B 118 -27.62 -4.22 39.05
N SER B 119 -27.29 -5.49 38.79
CA SER B 119 -26.68 -6.36 39.80
C SER B 119 -25.20 -6.05 40.05
N TYR B 120 -24.63 -5.14 39.26
CA TYR B 120 -23.23 -4.75 39.39
C TYR B 120 -23.11 -3.38 40.04
N PRO B 121 -22.64 -3.33 41.31
CA PRO B 121 -22.45 -2.07 42.03
C PRO B 121 -21.60 -1.04 41.27
N GLY B 122 -22.17 0.13 41.04
CA GLY B 122 -21.47 1.22 40.35
C GLY B 122 -21.67 1.25 38.85
N LEU B 123 -22.13 0.15 38.28
CA LEU B 123 -22.29 0.01 36.84
C LEU B 123 -23.59 0.67 36.36
N THR B 124 -23.45 1.80 35.66
CA THR B 124 -24.61 2.58 35.19
C THR B 124 -24.87 2.45 33.68
N SER B 125 -23.81 2.28 32.90
CA SER B 125 -23.95 2.04 31.46
C SER B 125 -23.08 0.88 31.00
N TYR B 126 -23.54 0.21 29.94
CA TYR B 126 -22.80 -0.89 29.34
C TYR B 126 -23.28 -1.13 27.92
N LEU B 127 -22.33 -1.27 27.00
CA LEU B 127 -22.63 -1.48 25.58
C LEU B 127 -21.63 -2.46 24.94
N VAL B 128 -22.14 -3.30 24.03
CA VAL B 128 -21.32 -4.22 23.25
C VAL B 128 -21.67 -4.09 21.77
N ARG B 129 -20.66 -4.10 20.92
CA ARG B 129 -20.86 -3.83 19.49
C ARG B 129 -19.86 -4.57 18.61
N VAL B 130 -20.36 -5.54 17.86
CA VAL B 130 -19.52 -6.38 17.00
C VAL B 130 -19.05 -5.56 15.80
N VAL B 131 -17.75 -5.27 15.77
CA VAL B 131 -17.18 -4.41 14.74
C VAL B 131 -17.17 -5.12 13.39
N SER B 132 -16.57 -6.30 13.37
CA SER B 132 -16.53 -7.13 12.16
C SER B 132 -16.23 -8.59 12.47
N THR B 133 -16.64 -9.47 11.57
CA THR B 133 -16.34 -10.90 11.67
C THR B 133 -16.67 -11.64 10.37
N ASN B 134 -15.92 -12.72 10.12
CA ASN B 134 -16.27 -13.70 9.08
C ASN B 134 -16.86 -14.96 9.71
N TYR B 135 -17.16 -14.89 11.01
CA TYR B 135 -17.90 -15.94 11.76
C TYR B 135 -17.13 -17.25 12.03
N ASN B 136 -16.18 -17.62 11.19
CA ASN B 136 -15.49 -18.93 11.30
C ASN B 136 -13.97 -18.87 11.50
N GLN B 137 -13.41 -17.66 11.56
CA GLN B 137 -11.97 -17.47 11.80
C GLN B 137 -11.73 -16.42 12.89
N HIS B 138 -12.18 -15.21 12.61
CA HIS B 138 -11.86 -14.06 13.45
C HIS B 138 -13.07 -13.14 13.65
N ALA B 139 -13.01 -12.36 14.73
CA ALA B 139 -14.03 -11.36 15.03
C ALA B 139 -13.44 -10.23 15.86
N MET B 140 -13.96 -9.02 15.68
CA MET B 140 -13.61 -7.86 16.51
C MET B 140 -14.85 -7.27 17.16
N VAL B 141 -14.84 -7.19 18.49
CA VAL B 141 -15.98 -6.70 19.26
C VAL B 141 -15.59 -5.53 20.16
N PHE B 142 -16.38 -4.46 20.10
CA PHE B 142 -16.15 -3.27 20.90
C PHE B 142 -16.97 -3.31 22.18
N PHE B 143 -16.33 -3.03 23.31
CA PHE B 143 -16.99 -2.99 24.61
C PHE B 143 -16.80 -1.63 25.25
N LYS B 144 -17.89 -1.06 25.78
CA LYS B 144 -17.83 0.21 26.50
C LYS B 144 -18.75 0.17 27.72
N LYS B 145 -18.27 0.72 28.84
CA LYS B 145 -19.07 0.84 30.04
C LYS B 145 -18.79 2.15 30.79
N VAL B 146 -19.81 2.66 31.47
CA VAL B 146 -19.65 3.75 32.43
C VAL B 146 -19.82 3.15 33.81
N SER B 147 -18.76 3.19 34.61
CA SER B 147 -18.76 2.64 35.96
C SER B 147 -18.10 3.64 36.90
N GLN B 148 -18.87 4.13 37.87
CA GLN B 148 -18.41 5.16 38.82
C GLN B 148 -18.26 6.52 38.14
N ASN B 149 -19.13 6.81 37.19
CA ASN B 149 -19.05 8.05 36.40
C ASN B 149 -17.71 8.12 35.66
N ARG B 150 -17.21 6.94 35.31
CA ARG B 150 -15.84 6.76 34.86
C ARG B 150 -15.87 5.85 33.64
N GLU B 151 -15.62 6.42 32.46
CA GLU B 151 -15.82 5.73 31.19
C GLU B 151 -14.64 4.86 30.78
N TYR B 152 -14.92 3.56 30.59
CA TYR B 152 -13.95 2.61 30.06
C TYR B 152 -14.40 2.05 28.73
N PHE B 153 -13.44 1.66 27.91
CA PHE B 153 -13.73 0.92 26.69
C PHE B 153 -12.61 -0.09 26.41
N LYS B 154 -12.94 -1.11 25.64
CA LYS B 154 -11.95 -2.07 25.16
C LYS B 154 -12.39 -2.75 23.88
N ILE B 155 -11.41 -3.22 23.12
CA ILE B 155 -11.66 -4.03 21.93
C ILE B 155 -10.89 -5.34 22.09
N THR B 156 -11.57 -6.46 21.82
CA THR B 156 -10.93 -7.76 21.80
C THR B 156 -10.84 -8.26 20.35
N LEU B 157 -9.73 -8.91 20.03
CA LEU B 157 -9.57 -9.60 18.75
C LEU B 157 -9.84 -11.08 18.97
N TYR B 158 -11.07 -11.49 18.73
CA TYR B 158 -11.48 -12.87 18.93
C TYR B 158 -10.96 -13.74 17.78
N GLY B 159 -10.52 -14.95 18.11
CA GLY B 159 -10.06 -15.93 17.14
C GLY B 159 -10.71 -17.28 17.39
N ARG B 160 -11.01 -17.99 16.31
CA ARG B 160 -11.61 -19.32 16.41
C ARG B 160 -10.55 -20.32 16.91
N THR B 161 -9.33 -20.11 16.44
CA THR B 161 -8.14 -20.81 16.95
C THR B 161 -7.36 -19.87 17.88
N LYS B 162 -6.24 -20.37 18.44
CA LYS B 162 -5.41 -19.56 19.34
C LYS B 162 -4.46 -18.60 18.62
N GLU B 163 -4.24 -18.84 17.33
CA GLU B 163 -3.38 -17.98 16.51
C GLU B 163 -4.20 -17.38 15.38
N LEU B 164 -3.81 -16.19 14.93
CA LEU B 164 -4.52 -15.50 13.84
C LEU B 164 -3.55 -14.80 12.89
N LEU B 168 -3.95 -9.16 10.04
CA LEU B 168 -5.11 -9.53 10.86
C LEU B 168 -4.88 -9.09 12.29
N LYS B 169 -3.75 -9.55 12.83
CA LYS B 169 -3.25 -9.04 14.09
C LYS B 169 -2.92 -7.56 13.95
N GLU B 170 -2.56 -7.14 12.74
CA GLU B 170 -2.17 -5.76 12.49
C GLU B 170 -3.40 -4.89 12.33
N ASN B 171 -4.35 -5.36 11.54
CA ASN B 171 -5.62 -4.66 11.33
C ASN B 171 -6.31 -4.34 12.66
N PHE B 172 -5.97 -5.12 13.69
CA PHE B 172 -6.43 -4.85 15.03
C PHE B 172 -5.67 -3.70 15.66
N ILE B 173 -4.35 -3.67 15.46
CA ILE B 173 -3.52 -2.57 15.97
C ILE B 173 -3.94 -1.25 15.33
N ARG B 174 -4.05 -1.25 14.00
CA ARG B 174 -4.46 -0.08 13.24
C ARG B 174 -5.81 0.46 13.71
N PHE B 175 -6.73 -0.47 13.98
CA PHE B 175 -8.07 -0.11 14.46
C PHE B 175 -8.07 0.39 15.91
N SER B 176 -7.24 -0.24 16.75
CA SER B 176 -7.06 0.21 18.13
C SER B 176 -6.47 1.62 18.21
N LYS B 177 -5.50 1.88 17.33
CA LYS B 177 -4.86 3.21 17.26
C LYS B 177 -5.81 4.29 16.74
N SER B 178 -6.76 3.89 15.90
CA SER B 178 -7.75 4.83 15.34
C SER B 178 -8.80 5.26 16.36
N LEU B 179 -8.94 4.50 17.45
CA LEU B 179 -9.79 4.88 18.57
C LEU B 179 -9.01 5.64 19.64
N GLY B 180 -7.74 5.95 19.35
CA GLY B 180 -6.88 6.70 20.26
C GLY B 180 -6.21 5.81 21.30
N LEU B 181 -5.67 4.68 20.86
CA LEU B 181 -4.99 3.76 21.77
C LEU B 181 -3.53 3.61 21.34
N PRO B 182 -2.59 4.04 22.20
CA PRO B 182 -1.16 3.78 21.95
C PRO B 182 -0.82 2.29 22.00
N GLU B 183 0.37 1.94 21.51
CA GLU B 183 0.87 0.56 21.57
C GLU B 183 1.05 0.08 23.01
N ASN B 184 1.20 1.05 23.92
CA ASN B 184 1.24 0.80 25.37
C ASN B 184 0.03 -0.01 25.87
N HIS B 185 -1.14 0.31 25.33
CA HIS B 185 -2.42 -0.28 25.77
C HIS B 185 -2.94 -1.42 24.89
N ILE B 186 -2.20 -1.79 23.84
CA ILE B 186 -2.57 -2.89 22.96
C ILE B 186 -1.78 -4.14 23.33
N VAL B 187 -2.51 -5.23 23.60
CA VAL B 187 -1.91 -6.47 24.14
C VAL B 187 -2.32 -7.68 23.29
N PHE B 188 -1.49 -8.73 23.33
CA PHE B 188 -1.76 -9.98 22.61
C PHE B 188 -1.54 -11.17 23.54
N PRO B 189 -2.60 -11.59 24.26
CA PRO B 189 -2.50 -12.67 25.25
C PRO B 189 -1.76 -13.91 24.76
N VAL B 190 -0.93 -14.48 25.63
CA VAL B 190 -0.10 -15.64 25.31
C VAL B 190 -0.89 -16.95 25.45
N PRO B 191 -0.97 -17.76 24.37
CA PRO B 191 -1.69 -19.03 24.43
C PRO B 191 -1.29 -19.95 25.58
N ILE B 192 -2.26 -20.71 26.07
CA ILE B 192 -2.04 -21.70 27.13
C ILE B 192 -2.91 -22.93 26.87
N ASP B 193 -2.58 -24.03 27.52
CA ASP B 193 -3.33 -25.29 27.38
C ASP B 193 -4.34 -25.51 28.51
N GLN B 194 -4.16 -24.78 29.61
CA GLN B 194 -4.93 -25.01 30.83
C GLN B 194 -6.30 -24.33 30.77
N CYS B 195 -7.34 -25.09 31.11
CA CYS B 195 -8.74 -24.59 31.24
C CYS B 195 -9.45 -24.21 29.94
N ILE B 196 -8.76 -23.51 29.03
CA ILE B 196 -9.40 -22.94 27.83
C ILE B 196 -9.64 -23.94 26.69
N ASP B 197 -9.26 -25.20 26.89
CA ASP B 197 -9.48 -26.26 25.89
C ASP B 197 -10.36 -27.36 26.45
N THR C 24 -19.58 14.13 -41.95
CA THR C 24 -19.12 13.33 -40.78
C THR C 24 -19.95 13.65 -39.52
N SER C 25 -20.13 12.64 -38.67
CA SER C 25 -21.12 12.65 -37.59
C SER C 25 -20.62 13.28 -36.29
N ASP C 26 -21.52 13.39 -35.31
CA ASP C 26 -21.26 14.07 -34.05
C ASP C 26 -20.48 13.20 -33.08
N LEU C 27 -19.60 13.82 -32.28
CA LEU C 27 -18.70 13.11 -31.37
C LEU C 27 -18.94 13.47 -29.91
N ILE C 28 -18.67 12.52 -29.02
CA ILE C 28 -18.65 12.77 -27.59
C ILE C 28 -17.40 13.59 -27.28
N PRO C 29 -17.57 14.74 -26.59
CA PRO C 29 -16.45 15.66 -26.39
C PRO C 29 -15.31 15.08 -25.57
N ALA C 30 -14.07 15.32 -26.02
CA ALA C 30 -12.89 14.92 -25.27
C ALA C 30 -12.97 15.52 -23.86
N PRO C 31 -12.62 14.73 -22.84
CA PRO C 31 -12.73 15.26 -21.48
C PRO C 31 -11.64 16.28 -21.19
N PRO C 32 -11.86 17.14 -20.19
CA PRO C 32 -10.79 18.03 -19.75
C PRO C 32 -9.64 17.21 -19.14
N LEU C 33 -8.41 17.57 -19.48
CA LEU C 33 -7.24 16.79 -19.05
C LEU C 33 -7.10 16.68 -17.52
N SER C 34 -7.77 17.57 -16.79
CA SER C 34 -7.86 17.45 -15.33
C SER C 34 -8.58 16.17 -14.87
N LYS C 35 -9.39 15.57 -15.75
CA LYS C 35 -10.06 14.29 -15.47
C LYS C 35 -9.26 13.06 -15.94
N VAL C 36 -8.03 13.28 -16.39
CA VAL C 36 -7.17 12.19 -16.85
C VAL C 36 -5.84 12.24 -16.09
N PRO C 37 -5.67 11.38 -15.07
CA PRO C 37 -4.43 11.40 -14.30
C PRO C 37 -3.17 11.05 -15.10
N LEU C 38 -2.01 11.48 -14.59
CA LEU C 38 -0.72 11.12 -15.15
C LEU C 38 0.04 10.25 -14.14
N GLN C 39 0.49 9.08 -14.57
CA GLN C 39 1.27 8.16 -13.73
C GLN C 39 2.44 8.88 -13.06
N GLN C 40 2.51 8.78 -11.73
CA GLN C 40 3.54 9.44 -10.93
C GLN C 40 4.91 8.79 -11.12
N ASN C 41 5.95 9.61 -11.27
CA ASN C 41 7.33 9.12 -11.40
C ASN C 41 7.44 8.03 -12.48
N PHE C 42 7.03 8.37 -13.70
CA PHE C 42 6.95 7.39 -14.80
C PHE C 42 8.35 6.91 -15.21
N GLN C 43 8.43 5.63 -15.55
CA GLN C 43 9.70 4.98 -15.87
C GLN C 43 9.72 4.38 -17.28
N ASP C 44 10.35 5.10 -18.21
CA ASP C 44 10.35 4.73 -19.63
C ASP C 44 11.01 3.37 -19.92
N ASN C 45 12.02 3.01 -19.13
CA ASN C 45 12.68 1.71 -19.27
C ASN C 45 11.79 0.53 -18.85
N GLN C 46 10.97 0.73 -17.81
CA GLN C 46 10.11 -0.33 -17.29
C GLN C 46 8.82 -0.51 -18.10
N PHE C 47 8.38 0.54 -18.78
CA PHE C 47 7.19 0.49 -19.65
C PHE C 47 7.49 -0.14 -21.01
N GLN C 48 8.75 -0.45 -21.24
CA GLN C 48 9.24 -0.94 -22.53
C GLN C 48 8.77 -2.36 -22.79
N GLY C 49 8.56 -2.69 -24.06
CA GLY C 49 8.22 -4.05 -24.48
C GLY C 49 6.83 -4.21 -25.07
N LYS C 50 6.36 -5.45 -25.15
CA LYS C 50 5.07 -5.77 -25.77
C LYS C 50 3.90 -5.59 -24.80
N TRP C 51 2.79 -5.03 -25.30
CA TRP C 51 1.56 -4.90 -24.53
C TRP C 51 0.38 -5.38 -25.38
N TYR C 52 -0.43 -6.27 -24.84
CA TYR C 52 -1.66 -6.69 -25.49
C TYR C 52 -2.79 -5.73 -25.13
N VAL C 53 -3.63 -5.40 -26.10
CA VAL C 53 -4.77 -4.52 -25.86
C VAL C 53 -5.97 -5.37 -25.44
N VAL C 54 -6.09 -5.58 -24.13
CA VAL C 54 -7.16 -6.40 -23.57
C VAL C 54 -8.45 -5.59 -23.42
N GLY C 55 -8.33 -4.26 -23.49
CA GLY C 55 -9.50 -3.38 -23.45
C GLY C 55 -9.27 -2.08 -24.24
N LEU C 56 -10.33 -1.60 -24.89
CA LEU C 56 -10.27 -0.43 -25.74
C LEU C 56 -11.56 0.38 -25.62
N ALA C 57 -11.43 1.65 -25.27
CA ALA C 57 -12.57 2.56 -25.19
C ALA C 57 -12.24 3.88 -25.89
N GLY C 58 -13.27 4.60 -26.33
CA GLY C 58 -13.08 5.91 -27.00
C GLY C 58 -14.29 6.37 -27.78
N ASN C 59 -14.27 7.65 -28.16
CA ASN C 59 -15.44 8.27 -28.82
C ASN C 59 -15.64 7.86 -30.29
N ALA C 60 -14.61 7.33 -30.92
CA ALA C 60 -14.71 6.75 -32.27
C ALA C 60 -14.56 5.21 -32.22
N ILE C 61 -14.80 4.64 -31.05
CA ILE C 61 -14.75 3.19 -30.85
C ILE C 61 -16.16 2.68 -30.59
N LEU C 62 -16.68 1.85 -31.50
CA LEU C 62 -18.04 1.33 -31.40
C LEU C 62 -18.05 -0.19 -31.26
N ARG C 63 -18.99 -0.70 -30.47
CA ARG C 63 -19.13 -2.13 -30.25
C ARG C 63 -19.85 -2.75 -31.44
N GLU C 64 -19.19 -3.69 -32.12
CA GLU C 64 -19.79 -4.42 -33.23
C GLU C 64 -19.88 -5.91 -32.89
N ASP C 65 -21.06 -6.32 -32.42
CA ASP C 65 -21.34 -7.73 -32.09
C ASP C 65 -21.28 -8.63 -33.34
N LYS C 66 -21.52 -8.04 -34.51
CA LYS C 66 -21.40 -8.76 -35.78
C LYS C 66 -19.98 -9.28 -35.99
N ASP C 67 -19.04 -8.35 -36.08
CA ASP C 67 -17.61 -8.67 -36.24
C ASP C 67 -16.84 -8.11 -35.04
N PRO C 68 -16.85 -8.83 -33.90
CA PRO C 68 -16.14 -8.41 -32.69
C PRO C 68 -14.68 -7.99 -32.93
N GLN C 69 -14.28 -6.89 -32.29
CA GLN C 69 -12.92 -6.40 -32.35
C GLN C 69 -11.94 -7.50 -31.95
N LYS C 70 -10.95 -7.75 -32.80
CA LYS C 70 -9.91 -8.74 -32.50
C LYS C 70 -8.77 -8.06 -31.75
N MET C 71 -8.12 -8.84 -30.89
CA MET C 71 -7.00 -8.33 -30.10
C MET C 71 -5.81 -8.01 -31.00
N TYR C 72 -5.07 -6.97 -30.62
CA TYR C 72 -3.79 -6.65 -31.25
C TYR C 72 -2.76 -6.31 -30.19
N ALA C 73 -1.52 -6.12 -30.61
CA ALA C 73 -0.42 -5.81 -29.69
C ALA C 73 0.26 -4.50 -30.08
N THR C 74 0.92 -3.89 -29.11
CA THR C 74 1.73 -2.70 -29.34
C THR C 74 3.05 -2.86 -28.62
N ILE C 75 4.14 -2.70 -29.36
CA ILE C 75 5.49 -2.84 -28.82
C ILE C 75 6.12 -1.46 -28.70
N TYR C 76 6.57 -1.13 -27.49
CA TYR C 76 7.30 0.13 -27.24
C TYR C 76 8.79 -0.17 -27.11
N GLU C 77 9.59 0.40 -28.02
CA GLU C 77 11.04 0.20 -28.00
C GLU C 77 11.76 1.51 -27.70
N LEU C 78 12.37 1.59 -26.53
CA LEU C 78 13.03 2.81 -26.07
C LEU C 78 14.34 2.99 -26.82
N LYS C 79 14.53 4.17 -27.40
CA LYS C 79 15.74 4.48 -28.15
C LYS C 79 16.71 5.35 -27.34
N GLU C 80 17.95 5.41 -27.81
CA GLU C 80 19.00 6.20 -27.17
C GLU C 80 18.59 7.65 -26.97
N ASP C 81 17.84 8.20 -27.91
CA ASP C 81 17.35 9.58 -27.82
C ASP C 81 16.12 9.76 -26.92
N LYS C 82 15.81 8.73 -26.12
CA LYS C 82 14.72 8.77 -25.12
C LYS C 82 13.30 8.82 -25.73
N SER C 83 13.16 8.42 -26.99
CA SER C 83 11.85 8.32 -27.63
C SER C 83 11.53 6.85 -27.86
N TYR C 84 10.26 6.56 -28.11
CA TYR C 84 9.82 5.20 -28.43
C TYR C 84 9.60 5.03 -29.92
N ASN C 85 10.09 3.91 -30.46
CA ASN C 85 9.55 3.37 -31.71
C ASN C 85 8.37 2.53 -31.27
N VAL C 86 7.17 2.95 -31.66
CA VAL C 86 5.94 2.28 -31.25
C VAL C 86 5.39 1.51 -32.44
N THR C 87 5.25 0.19 -32.28
CA THR C 87 4.76 -0.67 -33.34
C THR C 87 3.52 -1.44 -32.89
N SER C 88 2.43 -1.28 -33.63
CA SER C 88 1.22 -2.06 -33.39
C SER C 88 1.05 -3.12 -34.48
N VAL C 89 0.76 -4.34 -34.04
CA VAL C 89 0.61 -5.48 -34.94
C VAL C 89 -0.82 -6.00 -34.84
N LEU C 90 -1.59 -5.83 -35.92
CA LEU C 90 -2.98 -6.29 -35.97
C LEU C 90 -3.19 -7.37 -37.03
N PHE C 91 -4.28 -8.11 -36.91
CA PHE C 91 -4.66 -9.13 -37.89
C PHE C 91 -5.90 -8.65 -38.65
N ARG C 92 -5.70 -8.22 -39.88
CA ARG C 92 -6.76 -7.66 -40.71
C ARG C 92 -6.70 -8.18 -42.15
N LYS C 93 -7.86 -8.53 -42.69
CA LYS C 93 -7.98 -9.06 -44.06
C LYS C 93 -7.02 -10.24 -44.27
N LYS C 94 -7.11 -11.22 -43.37
CA LYS C 94 -6.28 -12.43 -43.40
C LYS C 94 -4.77 -12.16 -43.50
N LYS C 95 -4.34 -11.02 -42.95
CA LYS C 95 -2.94 -10.60 -43.03
C LYS C 95 -2.50 -9.86 -41.76
N CYS C 96 -1.21 -9.92 -41.49
CA CYS C 96 -0.61 -9.20 -40.36
C CYS C 96 -0.25 -7.77 -40.79
N ASP C 97 -1.01 -6.80 -40.28
CA ASP C 97 -0.72 -5.39 -40.50
C ASP C 97 0.21 -4.87 -39.42
N TYR C 98 1.32 -4.28 -39.84
CA TYR C 98 2.26 -3.62 -38.96
C TYR C 98 2.19 -2.14 -39.27
N TRP C 99 2.18 -1.31 -38.23
CA TRP C 99 2.14 0.12 -38.45
C TRP C 99 2.99 0.82 -37.37
N ILE C 100 3.91 1.67 -37.83
CA ILE C 100 5.02 2.15 -37.02
C ILE C 100 5.07 3.66 -36.96
N ARG C 101 5.27 4.20 -35.75
CA ARG C 101 5.40 5.63 -35.54
C ARG C 101 6.21 5.92 -34.26
N THR C 102 6.56 7.18 -34.06
CA THR C 102 7.42 7.60 -32.96
C THR C 102 6.70 8.46 -31.92
N PHE C 103 6.89 8.10 -30.64
CA PHE C 103 6.38 8.90 -29.52
C PHE C 103 7.53 9.66 -28.89
N VAL C 104 7.46 10.99 -28.97
CA VAL C 104 8.49 11.87 -28.41
C VAL C 104 8.06 12.38 -27.03
N PRO C 105 8.96 12.34 -26.03
CA PRO C 105 8.65 12.80 -24.68
C PRO C 105 8.07 14.22 -24.60
N GLY C 106 6.96 14.35 -23.88
CA GLY C 106 6.20 15.59 -23.83
C GLY C 106 6.51 16.46 -22.62
N SER C 107 5.56 17.32 -22.28
CA SER C 107 5.74 18.34 -21.25
C SER C 107 6.07 17.75 -19.88
N GLN C 108 5.44 16.62 -19.56
CA GLN C 108 5.74 15.89 -18.30
C GLN C 108 6.09 14.44 -18.63
N PRO C 109 6.92 13.80 -17.79
CA PRO C 109 7.24 12.38 -18.00
C PRO C 109 5.99 11.50 -17.95
N GLY C 110 5.84 10.65 -18.97
CA GLY C 110 4.63 9.84 -19.13
C GLY C 110 3.75 10.36 -20.25
N GLU C 111 3.93 11.63 -20.62
CA GLU C 111 3.24 12.22 -21.76
C GLU C 111 4.11 12.14 -23.01
N PHE C 112 3.46 12.03 -24.17
CA PHE C 112 4.19 11.97 -25.44
C PHE C 112 3.47 12.72 -26.55
N THR C 113 4.26 13.30 -27.44
CA THR C 113 3.77 13.87 -28.68
C THR C 113 4.22 12.97 -29.82
N LEU C 114 3.58 13.10 -30.98
CA LEU C 114 3.86 12.24 -32.13
C LEU C 114 5.03 12.75 -32.95
N GLY C 115 5.98 11.87 -33.23
CA GLY C 115 7.14 12.21 -34.04
C GLY C 115 6.77 12.44 -35.50
N ASN C 116 7.22 13.56 -36.05
CA ASN C 116 6.99 13.93 -37.44
C ASN C 116 5.50 13.97 -37.82
N ILE C 117 4.75 14.80 -37.09
CA ILE C 117 3.29 14.88 -37.23
C ILE C 117 2.85 15.36 -38.61
N LYS C 118 3.64 16.23 -39.23
CA LYS C 118 3.22 16.90 -40.47
C LYS C 118 3.27 15.99 -41.69
N SER C 119 3.78 14.77 -41.52
CA SER C 119 3.71 13.74 -42.55
C SER C 119 2.44 12.90 -42.46
N TYR C 120 1.56 13.22 -41.51
CA TYR C 120 0.25 12.57 -41.41
C TYR C 120 -0.79 13.57 -41.89
N PRO C 121 -1.40 13.31 -43.06
CA PRO C 121 -2.33 14.29 -43.63
C PRO C 121 -3.52 14.55 -42.73
N GLY C 122 -3.88 15.83 -42.59
CA GLY C 122 -5.02 16.24 -41.77
C GLY C 122 -4.73 16.35 -40.27
N LEU C 123 -3.68 15.69 -39.83
CA LEU C 123 -3.37 15.59 -38.40
C LEU C 123 -2.64 16.83 -37.90
N THR C 124 -3.32 17.60 -37.04
CA THR C 124 -2.77 18.84 -36.49
C THR C 124 -2.47 18.77 -34.99
N SER C 125 -2.88 17.70 -34.32
CA SER C 125 -2.62 17.52 -32.90
C SER C 125 -2.56 16.04 -32.51
N TYR C 126 -1.69 15.73 -31.55
CA TYR C 126 -1.58 14.36 -31.04
C TYR C 126 -0.92 14.31 -29.65
N LEU C 127 -1.61 13.69 -28.70
CA LEU C 127 -1.13 13.58 -27.32
C LEU C 127 -1.29 12.17 -26.77
N VAL C 128 -0.30 11.72 -26.00
CA VAL C 128 -0.36 10.47 -25.25
C VAL C 128 -0.12 10.79 -23.79
N ARG C 129 -0.89 10.15 -22.90
CA ARG C 129 -0.67 10.23 -21.45
C ARG C 129 -0.88 8.88 -20.79
N VAL C 130 0.14 8.36 -20.11
CA VAL C 130 0.02 7.14 -19.34
C VAL C 130 -0.74 7.46 -18.05
N VAL C 131 -1.92 6.87 -17.90
CA VAL C 131 -2.79 7.14 -16.75
C VAL C 131 -2.27 6.44 -15.50
N SER C 132 -2.10 5.12 -15.60
CA SER C 132 -1.51 4.33 -14.52
C SER C 132 -0.96 3.00 -15.03
N THR C 133 0.04 2.48 -14.33
CA THR C 133 0.66 1.20 -14.69
C THR C 133 1.49 0.65 -13.53
N ASN C 134 1.55 -0.67 -13.41
CA ASN C 134 2.53 -1.32 -12.53
C ASN C 134 3.68 -1.95 -13.33
N TYR C 135 3.71 -1.67 -14.63
CA TYR C 135 4.83 -2.05 -15.53
C TYR C 135 4.88 -3.54 -15.89
N ASN C 136 4.91 -4.41 -14.88
CA ASN C 136 5.01 -5.86 -15.11
C ASN C 136 3.75 -6.53 -15.62
N GLN C 137 2.60 -5.87 -15.45
CA GLN C 137 1.31 -6.56 -15.58
C GLN C 137 0.30 -5.81 -16.44
N HIS C 138 -0.06 -4.60 -16.01
CA HIS C 138 -1.14 -3.84 -16.66
C HIS C 138 -0.78 -2.38 -16.82
N ALA C 139 -1.55 -1.71 -17.66
CA ALA C 139 -1.37 -0.27 -17.91
C ALA C 139 -2.62 0.33 -18.56
N MET C 140 -2.93 1.58 -18.22
CA MET C 140 -3.96 2.35 -18.89
C MET C 140 -3.31 3.58 -19.50
N VAL C 141 -3.56 3.81 -20.79
CA VAL C 141 -2.97 4.95 -21.49
C VAL C 141 -4.03 5.74 -22.24
N PHE C 142 -3.94 7.06 -22.12
CA PHE C 142 -4.89 7.98 -22.74
C PHE C 142 -4.29 8.57 -24.01
N PHE C 143 -5.07 8.55 -25.10
CA PHE C 143 -4.65 9.06 -26.40
C PHE C 143 -5.68 10.06 -26.92
N LYS C 144 -5.20 11.20 -27.42
CA LYS C 144 -6.08 12.22 -28.01
C LYS C 144 -5.45 12.78 -29.28
N LYS C 145 -6.27 12.95 -30.33
CA LYS C 145 -5.81 13.55 -31.58
C LYS C 145 -6.85 14.48 -32.19
N VAL C 146 -6.39 15.50 -32.89
CA VAL C 146 -7.26 16.36 -33.69
C VAL C 146 -6.88 16.14 -35.15
N SER C 147 -7.77 15.48 -35.88
CA SER C 147 -7.56 15.15 -37.28
C SER C 147 -8.70 15.71 -38.10
N GLN C 148 -8.34 16.50 -39.11
CA GLN C 148 -9.33 17.17 -39.95
C GLN C 148 -10.31 17.94 -39.06
N ASN C 149 -9.73 18.66 -38.10
CA ASN C 149 -10.44 19.50 -37.14
C ASN C 149 -11.54 18.80 -36.32
N ARG C 150 -11.39 17.48 -36.13
CA ARG C 150 -12.29 16.70 -35.27
C ARG C 150 -11.48 16.05 -34.16
N GLU C 151 -11.96 16.18 -32.93
CA GLU C 151 -11.21 15.71 -31.75
C GLU C 151 -11.61 14.29 -31.32
N TYR C 152 -10.71 13.34 -31.54
CA TYR C 152 -10.89 11.94 -31.13
C TYR C 152 -10.07 11.63 -29.89
N PHE C 153 -10.60 10.76 -29.03
CA PHE C 153 -9.84 10.25 -27.90
C PHE C 153 -10.17 8.79 -27.66
N LYS C 154 -9.17 8.04 -27.22
CA LYS C 154 -9.36 6.65 -26.85
C LYS C 154 -8.55 6.34 -25.60
N ILE C 155 -8.84 5.20 -25.01
CA ILE C 155 -8.19 4.74 -23.80
C ILE C 155 -7.91 3.26 -23.99
N THR C 156 -6.67 2.85 -23.78
CA THR C 156 -6.31 1.44 -23.91
C THR C 156 -6.09 0.83 -22.54
N LEU C 157 -6.49 -0.43 -22.40
CA LEU C 157 -6.14 -1.21 -21.22
C LEU C 157 -5.05 -2.18 -21.67
N TYR C 158 -3.81 -1.89 -21.31
CA TYR C 158 -2.67 -2.70 -21.73
C TYR C 158 -2.45 -3.85 -20.77
N GLY C 159 -2.23 -5.04 -21.32
CA GLY C 159 -1.94 -6.23 -20.54
C GLY C 159 -0.66 -6.88 -21.01
N ARG C 160 0.19 -7.26 -20.06
CA ARG C 160 1.44 -7.96 -20.38
C ARG C 160 1.15 -9.37 -20.91
N THR C 161 -0.03 -9.89 -20.56
CA THR C 161 -0.59 -11.10 -21.17
C THR C 161 -1.97 -10.78 -21.78
N LYS C 162 -2.63 -11.78 -22.36
CA LYS C 162 -3.89 -11.58 -23.08
C LYS C 162 -5.15 -11.56 -22.19
N GLU C 163 -5.01 -12.09 -20.98
CA GLU C 163 -6.04 -11.97 -19.92
C GLU C 163 -5.66 -10.61 -19.31
N LEU C 164 -6.54 -9.86 -18.63
CA LEU C 164 -6.57 -9.70 -17.16
C LEU C 164 -7.80 -9.97 -16.28
N THR C 165 -7.62 -9.62 -15.00
CA THR C 165 -8.61 -9.86 -13.95
C THR C 165 -9.84 -8.96 -14.05
N SER C 166 -10.90 -9.39 -13.37
CA SER C 166 -12.16 -8.65 -13.31
C SER C 166 -11.97 -7.26 -12.71
N GLU C 167 -11.14 -7.20 -11.65
CA GLU C 167 -10.90 -5.94 -10.95
C GLU C 167 -10.38 -4.87 -11.89
N LEU C 168 -9.43 -5.26 -12.74
CA LEU C 168 -8.78 -4.34 -13.68
C LEU C 168 -9.72 -3.96 -14.82
N LYS C 169 -10.43 -4.95 -15.35
CA LYS C 169 -11.44 -4.69 -16.38
C LYS C 169 -12.47 -3.69 -15.86
N GLU C 170 -13.00 -3.97 -14.67
CA GLU C 170 -14.04 -3.14 -14.08
C GLU C 170 -13.52 -1.75 -13.70
N ASN C 171 -12.24 -1.65 -13.40
CA ASN C 171 -11.56 -0.37 -13.18
C ASN C 171 -11.53 0.47 -14.46
N PHE C 172 -11.24 -0.21 -15.57
CA PHE C 172 -11.19 0.40 -16.89
C PHE C 172 -12.55 0.96 -17.32
N ILE C 173 -13.60 0.19 -17.04
CA ILE C 173 -14.97 0.62 -17.35
C ILE C 173 -15.36 1.86 -16.54
N ARG C 174 -14.96 1.89 -15.27
CA ARG C 174 -15.24 3.04 -14.42
C ARG C 174 -14.52 4.31 -14.88
N PHE C 175 -13.30 4.15 -15.37
CA PHE C 175 -12.51 5.29 -15.84
C PHE C 175 -13.10 5.82 -17.15
N SER C 176 -13.30 4.93 -18.10
CA SER C 176 -13.93 5.28 -19.37
C SER C 176 -15.23 6.06 -19.15
N LYS C 177 -16.09 5.51 -18.30
CA LYS C 177 -17.36 6.16 -17.95
C LYS C 177 -17.19 7.53 -17.29
N SER C 178 -16.15 7.71 -16.50
CA SER C 178 -15.87 9.00 -15.87
C SER C 178 -15.45 10.05 -16.89
N LEU C 179 -14.96 9.60 -18.05
CA LEU C 179 -14.64 10.50 -19.17
C LEU C 179 -15.82 10.72 -20.13
N GLY C 180 -16.97 10.16 -19.79
CA GLY C 180 -18.22 10.42 -20.50
C GLY C 180 -18.58 9.41 -21.58
N LEU C 181 -17.97 8.23 -21.52
CA LEU C 181 -18.20 7.18 -22.51
C LEU C 181 -19.26 6.19 -22.03
N PRO C 182 -20.28 5.92 -22.86
CA PRO C 182 -21.25 4.87 -22.54
C PRO C 182 -20.67 3.49 -22.84
N GLU C 183 -21.42 2.44 -22.50
CA GLU C 183 -20.94 1.05 -22.64
CA GLU C 183 -20.90 1.07 -22.64
C GLU C 183 -20.64 0.66 -24.09
N ASN C 184 -21.50 1.10 -25.02
CA ASN C 184 -21.31 0.74 -26.43
C ASN C 184 -20.03 1.32 -27.04
N HIS C 185 -19.40 2.25 -26.33
CA HIS C 185 -18.07 2.76 -26.72
C HIS C 185 -16.90 2.13 -25.91
N ILE C 186 -17.18 1.01 -25.23
CA ILE C 186 -16.17 0.31 -24.43
C ILE C 186 -16.13 -1.15 -24.88
N VAL C 187 -14.97 -1.56 -25.41
CA VAL C 187 -14.82 -2.86 -26.06
C VAL C 187 -13.68 -3.67 -25.45
N PHE C 188 -13.84 -5.00 -25.48
CA PHE C 188 -12.83 -5.93 -25.00
C PHE C 188 -12.41 -6.90 -26.10
N PRO C 189 -11.35 -6.57 -26.86
CA PRO C 189 -10.90 -7.39 -27.98
C PRO C 189 -10.70 -8.85 -27.61
N VAL C 190 -11.21 -9.76 -28.44
CA VAL C 190 -11.11 -11.20 -28.15
C VAL C 190 -9.69 -11.65 -28.47
N PRO C 191 -9.07 -12.42 -27.55
CA PRO C 191 -7.73 -12.95 -27.80
C PRO C 191 -7.61 -13.78 -29.08
N ILE C 192 -6.47 -13.67 -29.75
CA ILE C 192 -6.15 -14.45 -30.94
C ILE C 192 -4.68 -14.86 -30.92
N ASP C 193 -4.31 -15.78 -31.80
CA ASP C 193 -2.92 -16.27 -31.88
C ASP C 193 -2.16 -15.74 -33.10
N GLN C 194 -2.88 -15.17 -34.06
CA GLN C 194 -2.28 -14.70 -35.30
CA GLN C 194 -2.29 -14.69 -35.30
C GLN C 194 -1.63 -13.32 -35.13
N CYS C 195 -0.39 -13.21 -35.63
CA CYS C 195 0.39 -11.96 -35.69
C CYS C 195 0.98 -11.41 -34.40
N ILE C 196 0.30 -11.61 -33.28
CA ILE C 196 0.65 -10.91 -32.03
C ILE C 196 1.48 -11.73 -31.03
N ASP C 197 1.90 -12.93 -31.42
CA ASP C 197 2.71 -13.81 -30.56
C ASP C 197 4.03 -14.16 -31.25
FE FE D . 23.60 9.96 5.96
C1 RKS E . 22.35 7.62 9.38
N1 RKS E . 21.69 9.86 10.06
O1 RKS E . 22.66 9.35 7.74
C2 RKS E . 22.83 8.07 8.15
N4 RKS E . 19.60 12.21 9.30
O2 RKS E . 23.96 7.67 6.11
C4 RKS E . 23.50 7.20 7.30
O3 RKS E . 20.99 8.06 11.24
C5 RKS E . 23.70 5.87 7.67
N2 RKS E . 18.17 18.33 6.63
C6 RKS E . 23.23 5.42 8.89
C7 RKS E . 22.55 6.29 9.75
O4 RKS E . 18.75 10.85 10.85
C8 RKS E . 21.62 8.54 10.31
O5 RKS E . 17.72 10.58 7.40
O6 RKS E . 19.44 18.58 6.11
O7 RKS E . 17.34 19.87 5.25
O8 RKS E . 16.19 11.74 8.72
C9 RKS E . 21.11 11.02 10.75
C10 RKS E . 21.14 10.81 12.27
C11 RKS E . 19.71 11.34 10.30
C12 RKS E . 18.33 12.70 8.73
C13 RKS E . 22.56 10.63 12.82
C14 RKS E . 23.22 11.98 13.05
C15 RKS E . 17.33 11.66 8.31
C16 RKS E . 18.72 13.52 7.49
C17 RKS E . 19.02 14.97 7.85
C18 RKS E . 18.21 15.95 6.99
C19 RKS E . 18.09 17.30 7.68
C20 RKS E . 17.16 19.04 6.12
C21 RKS E . 15.79 18.79 6.66
C22 RKS E . 18.84 9.74 7.72
C23 RKS E . 24.62 11.78 13.59
N3 RKS E . 24.99 12.95 14.37
C24 RKS E . 24.48 13.24 15.58
O9 RKS E . 25.95 13.81 13.81
O10 RKS E . 23.65 12.53 16.13
C25 RKS E . 25.01 14.49 16.24
C1 RKS F . 21.61 13.64 5.00
N1 RKS F . 23.23 14.65 6.54
O1 RKS F . 23.01 12.10 6.21
C2 RKS F . 22.02 12.33 5.30
N4 RKS F . 26.05 15.16 8.23
O2 RKS F . 21.88 9.98 4.99
C4 RKS F . 21.45 11.23 4.67
O3 RKS F . 21.77 15.95 5.45
C5 RKS F . 20.44 11.42 3.74
N2 RKS F . 26.52 10.50 5.48
C6 RKS F . 20.01 12.70 3.43
C7 RKS F . 20.59 13.80 4.05
O4 RKS F . 24.29 14.05 9.12
C8 RKS F . 22.22 14.85 5.68
O5 RKS F . 28.12 16.82 8.87
O6 RKS F . 25.65 10.41 6.58
O7 RKS F . 24.86 9.79 4.18
O8 RKS F . 28.53 15.75 10.87
C9 RKS F . 23.94 15.64 7.36
C10 RKS F . 24.96 16.48 6.56
C11 RKS F . 24.77 14.86 8.34
C12 RKS F . 27.18 14.65 8.98
C13 RKS F . 24.68 17.97 6.43
C14 RKS F . 25.99 18.73 6.19
C15 RKS F . 27.96 15.81 9.54
C16 RKS F . 28.01 13.90 7.94
C17 RKS F . 27.20 12.75 7.34
C18 RKS F . 28.06 11.50 7.11
C19 RKS F . 27.90 10.95 5.69
C20 RKS F . 26.01 10.16 4.30
C21 RKS F . 26.93 10.26 3.12
C1 GOL G . 13.77 6.16 23.13
O1 GOL G . 14.78 6.95 22.54
C2 GOL G . 13.99 4.69 22.78
O2 GOL G . 15.28 4.29 23.20
C3 GOL G . 12.92 3.82 23.45
O3 GOL G . 13.23 2.44 23.37
C1 GOL H . 6.61 -8.01 -8.50
O1 GOL H . 5.91 -6.92 -9.06
C2 GOL H . 6.06 -8.31 -7.11
O2 GOL H . 5.31 -9.51 -7.15
C3 GOL H . 7.17 -8.44 -6.07
O3 GOL H . 7.08 -7.45 -5.07
NA NA I . 17.34 34.59 -1.31
NA NA J . -4.05 -1.31 0.95
FE FE K . -16.02 -6.52 31.90
C1 RKS L . -13.80 -3.36 30.36
C1 RKS L . -13.77 -3.38 30.49
N1 RKS L . -12.62 -4.64 32.07
N1 RKS L . -12.69 -4.53 32.33
O1 RKS L . -14.82 -5.43 30.99
O1 RKS L . -14.80 -5.46 31.05
C2 RKS L . -14.87 -4.24 30.34
C2 RKS L . -14.84 -4.25 30.42
N4 RKS L . -10.11 -6.95 32.20
N4 RKS L . -10.35 -6.97 32.74
O2 RKS L . -17.06 -4.80 29.64
O2 RKS L . -17.02 -4.79 29.65
C4 RKS L . -16.03 -3.91 29.65
C4 RKS L . -15.98 -3.91 29.70
O3 RKS L . -11.51 -3.13 30.81
O3 RKS L . -11.46 -3.32 30.88
C5 RKS L . -16.13 -2.71 28.97
C5 RKS L . -16.05 -2.69 29.04
C6 RKS L . -15.06 -1.82 28.99
C6 RKS L . -14.99 -1.80 29.11
C7 RKS L . -13.90 -2.14 29.69
C7 RKS L . -13.84 -2.15 29.83
O4 RKS L . -9.56 -4.86 31.63
O4 RKS L . -9.61 -4.97 32.03
C8 RKS L . -12.54 -3.71 31.11
C8 RKS L . -12.53 -3.74 31.27
O5 RKS L . -7.08 -7.62 33.28
O5 RKS L . -10.81 -8.79 30.42
O8 RKS L . -6.85 -6.57 31.25
O8 RKS L . -9.10 -10.01 31.38
C9 RKS L . -11.55 -5.16 32.93
C9 RKS L . -11.68 -5.05 33.26
C10 RKS L . -11.32 -4.08 34.00
C10 RKS L . -11.41 -3.92 34.28
C11 RKS L . -10.31 -5.64 32.19
C11 RKS L . -10.45 -5.64 32.62
C12 RKS L . -8.96 -7.58 31.55
C12 RKS L . -9.27 -7.78 32.19
C13 RKS L . -10.34 -2.96 33.68
C13 RKS L . -10.42 -2.85 33.85
C14 RKS L . -10.70 -1.69 34.45
C14 RKS L . -10.73 -1.53 34.56
C15 RKS L . -7.56 -7.21 31.98
C15 RKS L . -9.68 -8.93 31.33
C1 RKS M . -13.87 -9.55 34.11
N1 RKS M . -14.82 -8.29 35.98
O1 RKS M . -14.72 -7.39 33.46
C2 RKS M . -14.26 -8.64 33.13
N4 RKS M . -12.95 -8.07 38.29
O2 RKS M . -14.57 -8.08 30.84
C4 RKS M . -14.20 -8.97 31.79
O3 RKS M . -13.23 -9.85 36.35
C5 RKS M . -13.74 -10.23 31.40
C6 RKS M . -13.35 -11.15 32.37
C7 RKS M . -13.42 -10.81 33.72
O4 RKS M . -14.77 -8.01 39.61
C8 RKS M . -13.95 -9.23 35.59
C9 RKS M . -15.17 -7.74 37.30
C10 RKS M . -15.30 -6.23 37.05
C11 RKS M . -14.27 -7.96 38.49
C13 RKS M . -16.69 -5.71 37.43
C14 RKS M . -17.74 -6.11 36.38
C23 RKS M . -17.97 -5.02 35.31
N3 RKS M . -17.66 -5.62 34.02
C24 RKS M . -18.44 -6.42 33.30
O9 RKS M . -16.41 -5.34 33.49
O10 RKS M . -18.07 -6.87 32.23
C25 RKS M . -19.80 -6.75 33.84
FE FE N . -4.27 6.00 -33.88
C1 RKS O . -7.80 7.41 -32.07
N1 RKS O . -8.65 6.18 -33.97
O1 RKS O . -6.12 6.10 -33.17
C2 RKS O . -6.47 7.10 -32.32
N4 RKS O . -8.88 3.15 -34.49
O2 RKS O . -4.16 7.50 -31.97
C4 RKS O . -5.46 7.82 -31.71
O3 RKS O . -9.96 6.48 -32.14
C5 RKS O . -5.77 8.86 -30.82
C6 RKS O . -7.10 9.17 -30.57
C7 RKS O . -8.12 8.44 -31.19
O4 RKS O . -10.91 3.78 -33.79
C8 RKS O . -8.90 6.64 -32.74
O5 RKS O . -7.46 0.01 -32.93
O8 RKS O . -7.47 2.23 -32.27
C9 RKS O . -9.56 5.42 -34.84
C10 RKS O . -10.81 6.28 -34.98
C11 RKS O . -9.85 4.04 -34.32
C12 RKS O . -8.99 1.76 -34.04
C13 RKS O . -11.66 5.92 -36.20
C14 RKS O . -11.83 7.12 -37.14
C15 RKS O . -7.93 1.39 -33.03
C16 RKS O . -8.80 0.93 -35.31
C22 RKS O . -6.28 -0.39 -33.62
C23 RKS O . -10.72 7.12 -38.18
N3 RKS O . -10.35 8.49 -38.56
C24 RKS O . -9.34 8.79 -39.37
O9 RKS O . -11.09 9.56 -38.03
O10 RKS O . -9.05 9.95 -39.66
C25 RKS O . -8.55 7.63 -39.93
C1 RKS P . -3.81 2.31 -36.14
N1 RKS P . -5.26 3.05 -37.96
O1 RKS P . -4.23 4.58 -35.50
C2 RKS P . -3.91 3.31 -35.17
N4 RKS P . -5.64 5.82 -39.42
O2 RKS P . -3.77 3.97 -32.89
C4 RKS P . -3.68 2.99 -33.83
O3 RKS P . -3.13 2.52 -38.38
C5 RKS P . -3.34 1.69 -33.46
N2 RKS P . -3.23 8.11 -35.39
C6 RKS P . -3.24 0.70 -34.43
C7 RKS P . -3.47 1.01 -35.78
O4 RKS P . -3.88 4.70 -40.31
C8 RKS P . -4.05 2.64 -37.59
O5 RKS P . -4.31 8.30 -41.61
O6 RKS P . -4.50 7.54 -35.25
O7 RKS P . -2.38 6.44 -34.19
O8 RKS P . -5.92 6.73 -42.14
C9 RKS P . -5.63 3.43 -39.33
C10 RKS P . -5.22 2.27 -40.25
C11 RKS P . -4.97 4.71 -39.74
C12 RKS P . -5.22 7.19 -39.71
C15 RKS P . -5.09 7.46 -41.18
C16 RKS P . -3.91 7.41 -38.94
C17 RKS P . -3.74 8.88 -38.56
C18 RKS P . -2.63 9.07 -37.54
C19 RKS P . -3.16 9.36 -36.14
C20 RKS P . -2.21 7.48 -34.82
C21 RKS P . -0.84 8.07 -34.96
NA NA Q . -0.05 -3.69 -8.01
NA NA R . -12.59 -6.82 -5.85
S SO4 S . -2.71 1.43 -29.18
O1 SO4 S . -3.98 1.45 -29.88
O2 SO4 S . -2.47 0.12 -28.57
O3 SO4 S . -1.63 1.72 -30.13
O4 SO4 S . -2.70 2.45 -28.14
#